data_4EIF
#
_entry.id   4EIF
#
_cell.length_a   56.38
_cell.length_b   56.38
_cell.length_c   50.05
_cell.angle_alpha   90.0
_cell.angle_beta   90.0
_cell.angle_gamma   90.0
#
_symmetry.space_group_name_H-M   'P 4 21 2'
#
loop_
_entity.id
_entity.type
_entity.pdbx_description
1 polymer 'Cytochrome c6'
2 non-polymer 'HEME C'
3 non-polymer 'SODIUM ION'
4 non-polymer 'CHLORIDE ION'
5 water water
#
_entity_poly.entity_id   1
_entity_poly.type   'polypeptide(L)'
_entity_poly.pdbx_seq_one_letter_code
;ADLDQGAQIFEAHCAGCHLNGGNIVRRGKNLKKRAMAKNGYTSVEAIANQVTQGKGNMSAYGDKLSSEEIQAVSQYVLQQ
SQTDWKS
;
_entity_poly.pdbx_strand_id   A
#
loop_
_chem_comp.id
_chem_comp.type
_chem_comp.name
_chem_comp.formula
CL non-polymer 'CHLORIDE ION' 'Cl -1'
HEC non-polymer 'HEME C' 'C34 H34 Fe N4 O4'
NA non-polymer 'SODIUM ION' 'Na 1'
#
# COMPACT_ATOMS: atom_id res chain seq x y z
N ASP A 4 -8.13 12.87 -0.01
CA ASP A 4 -7.07 13.74 -0.52
C ASP A 4 -5.71 13.60 0.21
N GLN A 5 -5.76 13.59 1.54
CA GLN A 5 -4.58 13.35 2.33
C GLN A 5 -3.99 11.98 2.02
N GLY A 6 -4.82 10.96 1.83
CA GLY A 6 -4.28 9.64 1.53
C GLY A 6 -3.46 9.63 0.25
N ALA A 7 -3.94 10.31 -0.78
CA ALA A 7 -3.20 10.40 -2.04
C ALA A 7 -1.87 11.15 -1.86
N GLN A 8 -1.89 12.22 -1.04
CA GLN A 8 -0.68 12.99 -0.79
C GLN A 8 0.36 12.16 -0.04
N ILE A 9 -0.08 11.42 0.99
CA ILE A 9 0.81 10.53 1.73
C ILE A 9 1.41 9.49 0.79
N PHE A 10 0.57 8.91 -0.09
CA PHE A 10 1.01 7.90 -1.03
C PHE A 10 2.13 8.49 -1.96
N GLU A 11 1.89 9.69 -2.50
CA GLU A 11 2.87 10.33 -3.36
C GLU A 11 4.20 10.54 -2.67
N ALA A 12 4.16 10.90 -1.38
CA ALA A 12 5.36 11.23 -0.61
C ALA A 12 6.12 10.04 -0.05
N HIS A 13 5.42 8.91 0.14
CA HIS A 13 6.03 7.78 0.88
C HIS A 13 5.96 6.43 0.17
N CYS A 14 5.13 6.28 -0.86
CA CYS A 14 4.86 4.96 -1.40
C CYS A 14 5.16 4.88 -2.90
N ALA A 15 5.03 6.02 -3.59
CA ALA A 15 5.14 6.04 -5.07
C ALA A 15 6.51 5.73 -5.58
N GLY A 16 7.54 5.79 -4.76
CA GLY A 16 8.86 5.39 -5.22
C GLY A 16 8.87 3.95 -5.71
N CYS A 17 8.10 3.07 -5.08
CA CYS A 17 8.04 1.66 -5.46
C CYS A 17 6.71 1.26 -6.09
N HIS A 18 5.64 2.00 -5.81
CA HIS A 18 4.30 1.61 -6.17
C HIS A 18 3.58 2.64 -7.07
N LEU A 19 4.33 3.43 -7.86
CA LEU A 19 3.72 4.40 -8.75
C LEU A 19 2.63 3.71 -9.58
N ASN A 20 1.47 4.34 -9.69
CA ASN A 20 0.33 3.83 -10.48
C ASN A 20 -0.10 2.41 -10.08
N GLY A 21 0.11 2.07 -8.81
CA GLY A 21 -0.26 0.79 -8.29
C GLY A 21 0.62 -0.39 -8.62
N GLY A 22 1.79 -0.13 -9.19
CA GLY A 22 2.72 -1.20 -9.51
C GLY A 22 3.54 -1.66 -8.31
N ASN A 23 4.56 -2.43 -8.59
CA ASN A 23 5.61 -2.80 -7.61
C ASN A 23 6.88 -3.07 -8.40
N ILE A 24 7.77 -2.08 -8.45
CA ILE A 24 8.99 -2.20 -9.24
C ILE A 24 10.00 -3.14 -8.61
N VAL A 25 9.81 -3.50 -7.35
CA VAL A 25 10.75 -4.34 -6.61
C VAL A 25 10.37 -5.83 -6.62
C VAL A 25 10.36 -5.79 -6.84
N ARG A 26 9.15 -6.16 -6.18
N ARG A 26 9.08 -6.09 -6.71
CA ARG A 26 8.62 -7.52 -6.15
CA ARG A 26 8.59 -7.46 -6.85
C ARG A 26 7.48 -7.59 -7.13
C ARG A 26 7.47 -7.44 -7.85
N ARG A 27 7.80 -8.21 -8.27
N ARG A 27 7.84 -7.69 -9.11
CA ARG A 27 6.89 -8.29 -9.39
CA ARG A 27 6.92 -7.54 -10.21
C ARG A 27 5.48 -8.77 -9.01
C ARG A 27 5.67 -8.34 -9.96
N GLY A 28 5.37 -9.79 -8.18
N GLY A 28 4.51 -7.70 -10.18
CA GLY A 28 4.10 -10.42 -7.87
CA GLY A 28 3.21 -8.32 -10.09
C GLY A 28 3.31 -9.80 -6.73
C GLY A 28 2.61 -8.34 -8.69
N LYS A 29 3.75 -8.67 -6.22
N LYS A 29 3.39 -8.28 -7.60
CA LYS A 29 3.05 -8.01 -5.07
CA LYS A 29 2.84 -8.31 -6.24
C LYS A 29 2.70 -6.54 -5.32
C LYS A 29 2.53 -6.85 -5.84
N ASN A 30 1.98 -6.27 -6.41
N ASN A 30 1.52 -6.34 -6.50
CA ASN A 30 1.43 -4.92 -6.64
C ASN A 30 0.12 -4.54 -5.95
N LEU A 31 -0.32 -3.31 -6.20
CA LEU A 31 -1.47 -2.76 -5.52
C LEU A 31 -2.72 -2.77 -6.40
N LYS A 32 -2.68 -3.56 -7.49
CA LYS A 32 -3.85 -3.73 -8.38
C LYS A 32 -4.74 -4.85 -7.92
N LYS A 33 -5.91 -4.97 -8.55
CA LYS A 33 -6.97 -5.81 -7.99
C LYS A 33 -6.56 -7.25 -7.80
N ARG A 34 -5.94 -7.85 -8.82
CA ARG A 34 -5.65 -9.29 -8.78
C ARG A 34 -4.77 -9.65 -7.59
N ALA A 35 -3.59 -9.05 -7.50
CA ALA A 35 -2.65 -9.40 -6.44
C ALA A 35 -3.19 -9.04 -5.08
N MET A 36 -3.83 -7.88 -4.97
CA MET A 36 -4.41 -7.47 -3.70
C MET A 36 -5.48 -8.46 -3.20
N ALA A 37 -6.37 -8.88 -4.11
CA ALA A 37 -7.41 -9.85 -3.74
C ALA A 37 -6.79 -11.19 -3.38
N LYS A 38 -5.83 -11.64 -4.17
CA LYS A 38 -5.19 -12.94 -3.90
C LYS A 38 -4.61 -12.97 -2.48
N ASN A 39 -3.96 -11.90 -2.09
CA ASN A 39 -3.29 -11.80 -0.81
C ASN A 39 -4.16 -11.28 0.33
N GLY A 40 -5.44 -10.99 0.05
CA GLY A 40 -6.38 -10.58 1.09
C GLY A 40 -6.31 -9.15 1.52
N TYR A 41 -5.66 -8.26 0.74
CA TYR A 41 -5.61 -6.84 1.06
C TYR A 41 -6.85 -6.15 0.51
N THR A 42 -7.99 -6.45 1.15
CA THR A 42 -9.32 -6.10 0.71
C THR A 42 -10.08 -5.37 1.81
N SER A 43 -9.39 -4.90 2.84
CA SER A 43 -9.91 -4.09 3.92
C SER A 43 -8.88 -3.04 4.30
N VAL A 44 -9.37 -1.95 4.91
CA VAL A 44 -8.42 -0.94 5.45
C VAL A 44 -7.48 -1.58 6.47
N GLU A 45 -8.03 -2.41 7.35
CA GLU A 45 -7.24 -2.98 8.42
C GLU A 45 -6.14 -3.91 7.89
N ALA A 46 -6.44 -4.72 6.88
CA ALA A 46 -5.43 -5.61 6.32
C ALA A 46 -4.25 -4.79 5.77
N ILE A 47 -4.56 -3.73 5.04
CA ILE A 47 -3.56 -2.89 4.45
C ILE A 47 -2.76 -2.12 5.53
N ALA A 48 -3.49 -1.54 6.50
CA ALA A 48 -2.85 -0.76 7.54
C ALA A 48 -1.89 -1.64 8.37
N ASN A 49 -2.28 -2.89 8.64
CA ASN A 49 -1.40 -3.77 9.41
C ASN A 49 -0.08 -4.00 8.67
N GLN A 50 -0.14 -4.24 7.37
CA GLN A 50 1.04 -4.49 6.56
C GLN A 50 1.92 -3.23 6.48
N VAL A 51 1.31 -2.07 6.31
CA VAL A 51 2.08 -0.83 6.19
C VAL A 51 2.78 -0.54 7.52
N THR A 52 2.08 -0.77 8.64
CA THR A 52 2.60 -0.48 9.97
C THR A 52 3.86 -1.31 10.25
N GLN A 53 3.78 -2.63 10.00
CA GLN A 53 4.86 -3.52 10.36
C GLN A 53 5.86 -3.79 9.30
N GLY A 54 5.55 -3.50 8.03
CA GLY A 54 6.43 -3.87 6.92
C GLY A 54 6.40 -5.34 6.63
N LYS A 55 7.07 -5.73 5.55
CA LYS A 55 7.12 -7.11 5.18
C LYS A 55 8.21 -7.30 4.15
N GLY A 56 9.02 -8.33 4.29
CA GLY A 56 10.12 -8.58 3.39
C GLY A 56 11.01 -7.35 3.21
N ASN A 57 11.22 -6.94 1.99
CA ASN A 57 12.01 -5.77 1.64
C ASN A 57 11.24 -4.46 1.74
N MET A 58 9.97 -4.48 2.06
CA MET A 58 9.23 -3.25 2.35
C MET A 58 9.44 -2.84 3.81
N SER A 59 9.82 -1.58 4.04
CA SER A 59 10.01 -1.08 5.38
C SER A 59 8.70 -1.05 6.16
N ALA A 60 8.88 -1.05 7.49
CA ALA A 60 7.81 -0.71 8.45
C ALA A 60 7.63 0.79 8.43
N TYR A 61 6.39 1.22 8.48
CA TYR A 61 6.02 2.64 8.56
C TYR A 61 5.47 3.04 9.92
N GLY A 62 5.35 2.11 10.87
CA GLY A 62 4.75 2.43 12.17
C GLY A 62 5.49 3.45 13.03
N ASP A 63 6.78 3.63 12.78
CA ASP A 63 7.61 4.66 13.44
CA ASP A 63 7.50 4.72 13.49
C ASP A 63 7.89 5.87 12.57
N LYS A 64 7.25 5.92 11.38
CA LYS A 64 7.49 6.97 10.39
C LYS A 64 6.28 7.81 10.08
N LEU A 65 5.11 7.18 10.01
CA LEU A 65 3.82 7.79 9.75
C LEU A 65 2.93 7.58 10.97
N SER A 66 2.07 8.55 11.28
CA SER A 66 1.16 8.39 12.39
C SER A 66 0.07 7.36 12.10
N SER A 67 -0.61 6.92 13.15
CA SER A 67 -1.73 6.01 12.92
C SER A 67 -2.77 6.61 11.99
N GLU A 68 -3.05 7.89 12.13
CA GLU A 68 -4.02 8.54 11.27
C GLU A 68 -3.55 8.59 9.83
N GLU A 69 -2.26 8.88 9.60
CA GLU A 69 -1.73 8.87 8.25
C GLU A 69 -1.79 7.48 7.63
N ILE A 70 -1.47 6.46 8.42
CA ILE A 70 -1.50 5.07 7.92
C ILE A 70 -2.94 4.70 7.54
N GLN A 71 -3.91 5.10 8.35
CA GLN A 71 -5.33 4.84 8.00
C GLN A 71 -5.69 5.53 6.69
N ALA A 72 -5.27 6.79 6.52
CA ALA A 72 -5.65 7.56 5.34
C ALA A 72 -5.04 6.94 4.08
N VAL A 73 -3.76 6.60 4.11
CA VAL A 73 -3.12 6.02 2.92
C VAL A 73 -3.68 4.62 2.63
N SER A 74 -4.05 3.89 3.69
CA SER A 74 -4.62 2.56 3.52
C SER A 74 -5.99 2.62 2.84
N GLN A 75 -6.81 3.60 3.21
CA GLN A 75 -8.09 3.80 2.53
C GLN A 75 -7.89 4.17 1.05
N TYR A 76 -6.90 5.05 0.77
CA TYR A 76 -6.59 5.43 -0.62
C TYR A 76 -6.21 4.18 -1.43
N VAL A 77 -5.29 3.37 -0.90
CA VAL A 77 -4.86 2.18 -1.60
C VAL A 77 -6.03 1.20 -1.80
N LEU A 78 -6.87 1.03 -0.78
CA LEU A 78 -8.03 0.12 -0.92
C LEU A 78 -8.92 0.59 -2.09
N GLN A 79 -9.27 1.87 -2.08
CA GLN A 79 -10.16 2.39 -3.12
C GLN A 79 -9.54 2.26 -4.50
N GLN A 80 -8.26 2.59 -4.65
CA GLN A 80 -7.59 2.51 -5.94
C GLN A 80 -7.47 1.06 -6.43
N SER A 81 -7.17 0.14 -5.53
CA SER A 81 -7.01 -1.27 -5.90
C SER A 81 -8.31 -1.88 -6.40
N GLN A 82 -9.42 -1.48 -5.76
CA GLN A 82 -10.74 -2.11 -5.95
C GLN A 82 -11.26 -1.58 -7.25
N THR A 83 -10.81 -0.41 -7.68
CA THR A 83 -11.22 0.22 -8.91
C THR A 83 -10.04 0.32 -9.91
N ASP A 84 -9.01 -0.52 -9.72
CA ASP A 84 -7.90 -0.79 -10.69
C ASP A 84 -6.72 0.18 -11.03
N TRP A 85 -6.59 1.26 -10.23
CA TRP A 85 -5.73 2.46 -10.53
C TRP A 85 -6.08 2.92 -11.90
FE HEC B . 4.83 -1.57 -0.39
CHA HEC B . 4.02 -4.87 -0.77
CHB HEC B . 1.59 -0.86 0.45
CHC HEC B . 5.74 1.61 0.34
CHD HEC B . 7.98 -2.22 -1.53
NA HEC B . 3.14 -2.64 -0.25
C1A HEC B . 2.99 -4.00 -0.48
C2A HEC B . 1.60 -4.38 -0.30
C3A HEC B . 0.91 -3.26 0.10
C4A HEC B . 1.89 -2.18 0.11
CMA HEC B . -0.55 -3.13 0.47
CAA HEC B . 1.03 -5.77 -0.55
CBA HEC B . 0.73 -5.94 -2.05
CGA HEC B . 0.31 -7.34 -2.46
O1A HEC B . 0.32 -8.30 -1.68
O2A HEC B . -0.14 -7.52 -3.67
NB HEC B . 3.86 0.04 0.28
C1B HEC B . 2.53 0.18 0.54
C2B HEC B . 2.20 1.52 1.01
C3B HEC B . 3.37 2.18 1.05
C4B HEC B . 4.40 1.28 0.57
CMB HEC B . 0.80 2.02 1.31
CAB HEC B . 3.66 3.62 1.52
CBB HEC B . 3.31 3.90 2.93
NC HEC B . 6.51 -0.51 -0.55
C1C HEC B . 6.67 0.81 -0.28
C2C HEC B . 7.95 1.28 -0.75
C3C HEC B . 8.61 0.21 -1.28
C4C HEC B . 7.69 -0.91 -1.14
CMC HEC B . 8.38 2.73 -0.74
CAC HEC B . 9.96 0.14 -1.98
CBC HEC B . 11.12 0.60 -1.20
ND HEC B . 5.82 -3.21 -0.99
C1D HEC B . 7.15 -3.31 -1.36
C2D HEC B . 7.54 -4.69 -1.54
C3D HEC B . 6.39 -5.45 -1.26
C4D HEC B . 5.34 -4.53 -0.97
CMD HEC B . 8.92 -5.14 -1.85
CAD HEC B . 6.35 -6.96 -1.13
CBD HEC B . 6.67 -7.38 0.32
CGD HEC B . 6.61 -8.86 0.44
O1D HEC B . 7.63 -9.57 0.21
O2D HEC B . 5.55 -9.39 0.80
NA NA C . 1.76 15.65 -3.45
NA NA D . 12.30 -7.50 -8.99
NA NA E . 10.02 8.16 14.27
CL CL F . 11.11 -8.24 -2.79
CL CL G . 12.03 -1.60 8.51
CL CL H . 1.70 -10.62 1.61
CL CL I . 0.47 -7.66 8.47
#